data_3PFI
#
_entry.id   3PFI
#
_cell.length_a   111.482
_cell.length_b   111.482
_cell.length_c   355.089
_cell.angle_alpha   90.00
_cell.angle_beta   90.00
_cell.angle_gamma   120.00
#
_symmetry.space_group_name_H-M   'H 3 2'
#
loop_
_entity.id
_entity.type
_entity.pdbx_description
1 polymer 'Holliday junction ATP-dependent DNA helicase ruvB'
2 non-polymer "ADENOSINE-5'-DIPHOSPHATE"
3 water water
#
_entity_poly.entity_id   1
_entity_poly.type   'polypeptide(L)'
_entity_poly.pdbx_seq_one_letter_code
;SNA(MSE)DRIVEIEKYSFDETYETSLRPSNFDGYIGQESIKKNLNVFIAAAKKRNECLDHILFSGPAGLGKTTLANIIS
YE(MSE)SANIKTTAAP(MSE)IEKSGDLAAILTNLSEGDILFIDEIHRLSPAIEEVLYPA(MSE)EDYRLDIIIGSGPA
AQTIKIDLPKFTLIGATTRAG(MSE)LSNPLRDRFG(MSE)QFRLEFYKDSELALILQKAALKLNKTCEEKAALEIAKRS
RSTPRIALRLLKRVRDFADVNDEEIITEKRANEALNSLGVNELGFDA(MSE)DLRYLELLTAAKQKPIGLASIAAALSED
ENTIEDVIEPYLLANGYIERTAKGRIASAKSYSALKLNYEKTLFEE
;
_entity_poly.pdbx_strand_id   A,B
#
loop_
_chem_comp.id
_chem_comp.type
_chem_comp.name
_chem_comp.formula
ADP non-polymer ADENOSINE-5'-DIPHOSPHATE 'C10 H15 N5 O10 P2'
#
# COMPACT_ATOMS: atom_id res chain seq x y z
N LEU A 23 0.01 29.37 -4.25
CA LEU A 23 -1.31 29.78 -4.82
C LEU A 23 -2.15 28.55 -5.17
N ARG A 24 -2.20 27.63 -4.22
CA ARG A 24 -2.98 26.41 -4.32
C ARG A 24 -4.01 26.48 -3.19
N PRO A 25 -5.12 25.73 -3.31
CA PRO A 25 -6.13 25.79 -2.25
C PRO A 25 -5.54 25.62 -0.84
N SER A 26 -6.05 26.39 0.11
CA SER A 26 -5.57 26.37 1.49
C SER A 26 -6.46 25.56 2.43
N ASN A 27 -7.65 25.17 1.95
CA ASN A 27 -8.57 24.41 2.78
C ASN A 27 -9.60 23.66 1.95
N PHE A 28 -10.43 22.87 2.61
CA PHE A 28 -11.50 22.13 1.94
C PHE A 28 -12.66 23.04 1.55
N ASP A 29 -12.77 24.18 2.22
CA ASP A 29 -13.85 25.15 1.98
C ASP A 29 -14.28 25.17 0.51
N GLY A 30 -13.32 25.20 -0.39
CA GLY A 30 -13.61 25.21 -1.83
C GLY A 30 -12.66 24.32 -2.64
N TYR A 31 -12.29 23.17 -2.08
CA TYR A 31 -11.39 22.23 -2.77
C TYR A 31 -12.16 21.51 -3.87
N ILE A 32 -11.64 21.57 -5.10
CA ILE A 32 -12.33 20.96 -6.24
C ILE A 32 -11.90 19.53 -6.50
N GLY A 33 -12.88 18.66 -6.76
CA GLY A 33 -12.62 17.27 -7.06
C GLY A 33 -12.27 16.42 -5.86
N GLN A 34 -12.01 15.14 -6.12
CA GLN A 34 -11.68 14.17 -5.09
C GLN A 34 -12.80 14.11 -4.05
N GLU A 35 -14.05 14.16 -4.52
CA GLU A 35 -15.20 14.13 -3.64
C GLU A 35 -15.05 13.03 -2.60
N SER A 36 -14.78 11.82 -3.07
CA SER A 36 -14.63 10.64 -2.21
C SER A 36 -13.60 10.83 -1.10
N ILE A 37 -12.40 11.27 -1.47
CA ILE A 37 -11.35 11.51 -0.49
C ILE A 37 -11.76 12.58 0.52
N LYS A 38 -12.34 13.66 0.02
CA LYS A 38 -12.78 14.77 0.86
C LYS A 38 -13.84 14.32 1.87
N LYS A 39 -14.82 13.54 1.42
CA LYS A 39 -15.88 13.07 2.31
C LYS A 39 -15.30 12.27 3.47
N ASN A 40 -14.38 11.36 3.17
CA ASN A 40 -13.74 10.53 4.19
C ASN A 40 -12.82 11.33 5.11
N LEU A 41 -11.95 12.16 4.56
CA LEU A 41 -11.08 12.98 5.39
C LEU A 41 -11.92 13.82 6.36
N ASN A 42 -13.07 14.32 5.90
CA ASN A 42 -13.94 15.09 6.79
C ASN A 42 -14.39 14.28 8.00
N VAL A 43 -14.68 13.00 7.79
CA VAL A 43 -15.11 12.13 8.89
C VAL A 43 -13.96 11.83 9.85
N PHE A 44 -12.79 11.48 9.31
CA PHE A 44 -11.65 11.15 10.15
C PHE A 44 -11.10 12.37 10.87
N ILE A 45 -11.22 13.54 10.25
CA ILE A 45 -10.74 14.76 10.86
C ILE A 45 -11.60 15.13 12.05
N ALA A 46 -12.91 14.93 11.93
CA ALA A 46 -13.83 15.23 13.02
C ALA A 46 -13.55 14.31 14.19
N ALA A 47 -13.37 13.03 13.89
CA ALA A 47 -13.10 12.01 14.90
C ALA A 47 -11.84 12.32 15.71
N ALA A 48 -10.73 12.51 15.02
CA ALA A 48 -9.46 12.80 15.68
C ALA A 48 -9.59 13.98 16.64
N LYS A 49 -10.17 15.07 16.15
CA LYS A 49 -10.34 16.27 16.97
C LYS A 49 -11.31 16.01 18.13
N LYS A 50 -12.41 15.33 17.84
CA LYS A 50 -13.38 14.99 18.88
C LYS A 50 -12.67 14.16 19.95
N ARG A 51 -11.82 13.26 19.48
CA ARG A 51 -11.06 12.36 20.33
C ARG A 51 -9.89 13.13 20.95
N ASN A 52 -9.70 14.36 20.49
CA ASN A 52 -8.62 15.24 20.94
C ASN A 52 -7.26 14.58 20.68
N GLU A 53 -7.10 14.06 19.46
CA GLU A 53 -5.86 13.40 19.02
C GLU A 53 -5.55 13.83 17.59
N CYS A 54 -4.38 13.43 17.11
CA CYS A 54 -3.99 13.72 15.73
C CYS A 54 -4.38 12.52 14.88
N LEU A 55 -4.50 12.73 13.58
CA LEU A 55 -4.89 11.67 12.66
C LEU A 55 -3.87 10.55 12.58
N ASP A 56 -4.33 9.35 12.25
CA ASP A 56 -3.43 8.22 12.06
C ASP A 56 -2.66 8.51 10.77
N HIS A 57 -1.66 7.68 10.47
CA HIS A 57 -0.84 7.92 9.29
C HIS A 57 -1.68 7.83 8.03
N ILE A 58 -1.41 8.74 7.11
CA ILE A 58 -2.14 8.83 5.84
C ILE A 58 -1.22 8.52 4.66
N LEU A 59 -1.77 7.86 3.66
CA LEU A 59 -1.03 7.54 2.46
C LEU A 59 -1.81 8.02 1.25
N PHE A 60 -1.16 8.83 0.42
CA PHE A 60 -1.74 9.30 -0.83
C PHE A 60 -0.96 8.69 -1.96
N SER A 61 -1.65 8.18 -2.96
CA SER A 61 -0.99 7.59 -4.10
C SER A 61 -1.75 8.03 -5.36
N GLY A 62 -1.03 8.13 -6.47
CA GLY A 62 -1.63 8.54 -7.73
C GLY A 62 -0.66 9.35 -8.56
N PRO A 63 -0.93 9.45 -9.87
CA PRO A 63 -0.11 10.17 -10.85
C PRO A 63 0.29 11.56 -10.41
N ALA A 64 1.45 12.02 -10.86
CA ALA A 64 1.97 13.34 -10.49
C ALA A 64 1.05 14.47 -10.90
N GLY A 65 1.06 15.53 -10.08
CA GLY A 65 0.26 16.72 -10.34
C GLY A 65 -1.23 16.61 -10.13
N LEU A 66 -1.67 15.61 -9.37
CA LEU A 66 -3.11 15.44 -9.11
C LEU A 66 -3.55 16.09 -7.80
N GLY A 67 -2.62 16.66 -7.07
CA GLY A 67 -2.95 17.38 -5.84
C GLY A 67 -2.77 16.67 -4.51
N LYS A 68 -1.78 15.78 -4.41
CA LYS A 68 -1.56 15.08 -3.15
C LYS A 68 -0.68 15.91 -2.20
N THR A 69 0.23 16.71 -2.73
CA THR A 69 1.02 17.57 -1.87
C THR A 69 0.06 18.62 -1.30
N THR A 70 -0.91 19.00 -2.13
CA THR A 70 -1.90 20.00 -1.73
C THR A 70 -2.70 19.49 -0.53
N LEU A 71 -3.37 18.36 -0.69
CA LEU A 71 -4.15 17.74 0.39
C LEU A 71 -3.35 17.67 1.69
N ALA A 72 -2.09 17.26 1.59
CA ALA A 72 -1.25 17.15 2.78
C ALA A 72 -1.22 18.47 3.53
N ASN A 73 -1.01 19.57 2.83
CA ASN A 73 -0.97 20.88 3.47
C ASN A 73 -2.33 21.37 3.95
N ILE A 74 -3.39 20.96 3.24
CA ILE A 74 -4.74 21.30 3.67
C ILE A 74 -5.03 20.64 5.01
N ILE A 75 -4.61 19.38 5.14
CA ILE A 75 -4.78 18.63 6.37
C ILE A 75 -4.05 19.32 7.54
N SER A 76 -2.91 19.94 7.26
CA SER A 76 -2.15 20.63 8.31
C SER A 76 -2.96 21.83 8.80
N TYR A 77 -3.66 22.47 7.87
CA TYR A 77 -4.49 23.63 8.21
C TYR A 77 -5.72 23.20 8.99
N GLU A 78 -6.43 22.19 8.47
CA GLU A 78 -7.62 21.67 9.13
C GLU A 78 -7.31 21.18 10.54
N MSE A 79 -6.15 20.56 10.71
CA MSE A 79 -5.74 20.04 12.02
C MSE A 79 -4.98 21.06 12.85
O MSE A 79 -4.46 20.73 13.91
CB MSE A 79 -4.88 18.79 11.84
CG MSE A 79 -5.65 17.59 11.32
SE MSE A 79 -6.99 16.98 12.58
CE MSE A 79 -5.82 16.45 14.05
N SER A 80 -4.92 22.31 12.38
CA SER A 80 -4.21 23.37 13.09
C SER A 80 -2.87 22.85 13.62
N ALA A 81 -2.18 22.07 12.80
CA ALA A 81 -0.89 21.50 13.17
C ALA A 81 0.16 21.94 12.16
N ASN A 82 1.41 21.95 12.59
CA ASN A 82 2.51 22.37 11.72
C ASN A 82 2.91 21.21 10.82
N ILE A 83 3.54 21.51 9.69
CA ILE A 83 3.93 20.45 8.74
C ILE A 83 5.40 20.55 8.33
N LYS A 84 6.06 19.40 8.29
CA LYS A 84 7.46 19.32 7.86
C LYS A 84 7.54 18.40 6.63
N THR A 85 8.20 18.88 5.59
CA THR A 85 8.28 18.14 4.32
C THR A 85 9.67 17.61 3.99
N THR A 86 9.71 16.50 3.26
CA THR A 86 10.94 15.87 2.82
C THR A 86 10.63 14.86 1.72
N ALA A 87 11.67 14.27 1.15
CA ALA A 87 11.51 13.28 0.09
C ALA A 87 12.35 12.04 0.37
N ALA A 88 11.89 10.88 -0.10
CA ALA A 88 12.59 9.62 0.13
C ALA A 88 14.07 9.68 -0.24
N PRO A 89 14.38 10.06 -1.49
CA PRO A 89 15.79 10.14 -1.91
C PRO A 89 16.58 11.12 -1.06
N MSE A 90 15.90 12.11 -0.49
CA MSE A 90 16.55 13.12 0.33
C MSE A 90 17.10 12.49 1.61
O MSE A 90 18.01 13.03 2.23
CB MSE A 90 15.56 14.23 0.68
CG MSE A 90 16.22 15.53 1.04
SE MSE A 90 17.12 16.27 -0.52
CE MSE A 90 15.55 16.50 -1.66
N ILE A 91 16.53 11.35 2.01
CA ILE A 91 16.99 10.65 3.20
C ILE A 91 17.91 9.51 2.76
N GLU A 92 18.96 9.28 3.53
CA GLU A 92 19.92 8.24 3.20
C GLU A 92 20.49 7.59 4.45
N LYS A 93 20.98 8.40 5.39
CA LYS A 93 21.52 7.88 6.64
C LYS A 93 20.38 7.49 7.56
N SER A 94 20.39 6.26 8.06
CA SER A 94 19.35 5.76 8.94
C SER A 94 19.11 6.71 10.12
N GLY A 95 20.19 7.16 10.73
CA GLY A 95 20.12 8.10 11.86
C GLY A 95 19.45 9.41 11.48
N ASP A 96 19.74 9.88 10.27
CA ASP A 96 19.15 11.11 9.77
C ASP A 96 17.65 11.08 10.02
N LEU A 97 17.00 10.01 9.57
CA LEU A 97 15.56 9.85 9.76
C LEU A 97 15.23 9.86 11.25
N ALA A 98 15.96 9.08 12.04
CA ALA A 98 15.75 9.03 13.47
C ALA A 98 15.86 10.44 14.06
N ALA A 99 16.75 11.24 13.49
CA ALA A 99 16.95 12.61 13.93
C ALA A 99 15.72 13.44 13.57
N ILE A 100 15.24 13.28 12.34
CA ILE A 100 14.04 13.99 11.89
C ILE A 100 12.91 13.77 12.88
N LEU A 101 12.69 12.52 13.27
CA LEU A 101 11.64 12.20 14.22
C LEU A 101 11.88 12.93 15.54
N THR A 102 13.12 12.90 16.02
CA THR A 102 13.47 13.55 17.29
C THR A 102 13.08 15.03 17.33
N ASN A 103 13.14 15.70 16.18
CA ASN A 103 12.83 17.13 16.12
C ASN A 103 11.39 17.43 15.70
N LEU A 104 10.42 16.73 16.29
CA LEU A 104 9.01 16.95 15.96
C LEU A 104 8.17 17.13 17.21
N SER A 105 7.40 18.22 17.24
CA SER A 105 6.51 18.50 18.37
C SER A 105 5.30 17.58 18.31
N GLU A 106 4.79 17.21 19.49
CA GLU A 106 3.64 16.31 19.59
C GLU A 106 2.43 16.89 18.85
N GLY A 107 2.04 16.24 17.76
CA GLY A 107 0.90 16.68 16.95
C GLY A 107 1.26 17.04 15.52
N ASP A 108 2.55 17.28 15.29
CA ASP A 108 3.06 17.64 13.97
C ASP A 108 2.76 16.61 12.89
N ILE A 109 3.02 16.99 11.65
CA ILE A 109 2.84 16.12 10.50
C ILE A 109 4.17 15.98 9.77
N LEU A 110 4.52 14.75 9.41
CA LEU A 110 5.74 14.46 8.67
C LEU A 110 5.33 14.00 7.27
N PHE A 111 5.62 14.83 6.27
CA PHE A 111 5.27 14.49 4.89
C PHE A 111 6.47 14.01 4.08
N ILE A 112 6.41 12.76 3.65
CA ILE A 112 7.48 12.16 2.85
C ILE A 112 6.96 11.86 1.45
N ASP A 113 7.55 12.49 0.45
CA ASP A 113 7.14 12.32 -0.93
C ASP A 113 8.03 11.25 -1.57
N GLU A 114 7.51 10.59 -2.60
CA GLU A 114 8.24 9.54 -3.29
C GLU A 114 8.65 8.47 -2.27
N ILE A 115 7.82 8.32 -1.23
CA ILE A 115 8.07 7.39 -0.14
C ILE A 115 8.41 5.96 -0.58
N HIS A 116 7.98 5.58 -1.78
CA HIS A 116 8.24 4.25 -2.32
C HIS A 116 9.72 4.03 -2.65
N ARG A 117 10.52 5.09 -2.62
CA ARG A 117 11.94 4.99 -2.93
C ARG A 117 12.84 4.91 -1.69
N LEU A 118 12.27 4.53 -0.56
CA LEU A 118 13.06 4.40 0.67
C LEU A 118 13.82 3.08 0.68
N SER A 119 15.09 3.13 1.06
CA SER A 119 15.92 1.95 1.14
C SER A 119 15.39 1.04 2.23
N PRO A 120 15.37 -0.28 1.99
CA PRO A 120 14.87 -1.21 3.00
C PRO A 120 15.34 -0.86 4.41
N ALA A 121 16.60 -0.44 4.54
CA ALA A 121 17.16 -0.08 5.84
C ALA A 121 16.35 1.04 6.51
N ILE A 122 16.15 2.13 5.78
CA ILE A 122 15.39 3.27 6.30
C ILE A 122 13.94 2.85 6.55
N GLU A 123 13.39 2.11 5.59
CA GLU A 123 12.02 1.62 5.68
C GLU A 123 11.86 0.75 6.94
N GLU A 124 12.92 0.05 7.32
CA GLU A 124 12.89 -0.81 8.50
C GLU A 124 12.90 0.01 9.79
N VAL A 125 13.50 1.20 9.74
CA VAL A 125 13.55 2.07 10.90
C VAL A 125 12.23 2.83 11.06
N LEU A 126 11.49 2.94 9.96
CA LEU A 126 10.23 3.67 9.97
C LEU A 126 9.07 2.86 10.55
N TYR A 127 9.01 1.56 10.25
CA TYR A 127 7.92 0.71 10.75
C TYR A 127 7.60 0.92 12.24
N PRO A 128 8.62 0.78 13.10
CA PRO A 128 8.36 0.94 14.54
C PRO A 128 7.99 2.37 14.92
N ALA A 129 8.49 3.35 14.17
CA ALA A 129 8.18 4.74 14.43
C ALA A 129 6.70 5.03 14.21
N MSE A 130 6.15 4.46 13.13
CA MSE A 130 4.74 4.65 12.80
C MSE A 130 3.83 3.87 13.72
O MSE A 130 2.86 4.40 14.26
CB MSE A 130 4.48 4.17 11.37
CG MSE A 130 5.27 4.87 10.28
SE MSE A 130 4.95 4.01 8.57
CE MSE A 130 3.04 4.36 8.39
N GLU A 131 4.16 2.59 13.88
CA GLU A 131 3.33 1.67 14.66
C GLU A 131 3.35 1.86 16.18
N ASP A 132 4.53 2.04 16.76
CA ASP A 132 4.65 2.13 18.22
C ASP A 132 5.01 3.48 18.83
N TYR A 133 5.54 4.40 18.03
CA TYR A 133 5.92 5.73 18.52
C TYR A 133 7.09 5.63 19.51
N ARG A 134 8.03 4.76 19.18
CA ARG A 134 9.26 4.57 19.94
C ARG A 134 10.29 4.02 18.98
N LEU A 135 11.41 4.72 18.84
CA LEU A 135 12.48 4.27 17.94
C LEU A 135 13.65 5.25 17.98
N ALA A 145 29.67 2.19 22.31
CA ALA A 145 29.25 0.88 22.79
C ALA A 145 27.77 0.65 22.50
N GLN A 146 27.23 -0.43 23.04
CA GLN A 146 25.83 -0.80 22.83
C GLN A 146 24.88 0.27 23.37
N THR A 147 23.74 0.44 22.72
CA THR A 147 22.75 1.42 23.13
C THR A 147 21.49 1.31 22.27
N ILE A 148 20.35 1.72 22.82
CA ILE A 148 19.08 1.69 22.11
C ILE A 148 18.22 2.90 22.54
N LYS A 149 17.16 2.65 23.32
CA LYS A 149 16.29 3.71 23.83
C LYS A 149 15.61 4.54 22.74
N ILE A 150 15.09 5.71 23.13
CA ILE A 150 14.44 6.67 22.23
C ILE A 150 12.92 6.46 22.07
N ASP A 151 12.15 7.35 22.68
CA ASP A 151 10.68 7.29 22.61
C ASP A 151 10.26 8.07 21.37
N LEU A 152 9.07 8.65 21.36
CA LEU A 152 8.63 9.44 20.20
C LEU A 152 7.35 10.24 20.53
N PRO A 153 7.37 11.55 20.22
CA PRO A 153 6.32 12.56 20.49
C PRO A 153 4.86 12.18 20.20
N LYS A 154 4.63 11.46 19.10
CA LYS A 154 3.27 11.07 18.66
C LYS A 154 2.81 12.09 17.61
N PHE A 155 3.00 11.72 16.34
CA PHE A 155 2.70 12.59 15.21
C PHE A 155 1.89 11.88 14.15
N THR A 156 1.77 12.52 12.99
CA THR A 156 1.05 11.96 11.84
C THR A 156 1.94 11.93 10.61
N LEU A 157 2.24 10.72 10.15
CA LEU A 157 3.07 10.55 8.97
C LEU A 157 2.21 10.47 7.69
N ILE A 158 2.44 11.40 6.78
CA ILE A 158 1.72 11.41 5.52
C ILE A 158 2.72 11.03 4.44
N GLY A 159 2.42 9.96 3.71
CA GLY A 159 3.29 9.49 2.65
C GLY A 159 2.66 9.73 1.29
N ALA A 160 3.48 10.10 0.32
CA ALA A 160 2.99 10.34 -1.02
C ALA A 160 3.83 9.56 -2.02
N THR A 161 3.17 8.85 -2.93
CA THR A 161 3.85 8.09 -3.97
C THR A 161 3.08 8.15 -5.27
N THR A 162 3.81 8.03 -6.37
CA THR A 162 3.22 8.00 -7.70
C THR A 162 3.36 6.59 -8.25
N ARG A 163 3.94 5.70 -7.43
CA ARG A 163 4.20 4.31 -7.77
C ARG A 163 3.65 3.40 -6.68
N ALA A 164 2.33 3.35 -6.52
CA ALA A 164 1.72 2.50 -5.50
C ALA A 164 2.22 1.05 -5.62
N GLY A 165 2.32 0.55 -6.85
CA GLY A 165 2.79 -0.81 -7.11
C GLY A 165 4.17 -1.14 -6.57
N MSE A 166 5.00 -0.12 -6.34
CA MSE A 166 6.36 -0.32 -5.83
C MSE A 166 6.41 -0.23 -4.31
O MSE A 166 7.48 -0.33 -3.71
CB MSE A 166 7.31 0.75 -6.39
CG MSE A 166 7.56 0.66 -7.87
SE MSE A 166 8.52 -0.95 -8.38
CE MSE A 166 10.17 -0.67 -7.36
N LEU A 167 5.25 -0.04 -3.69
CA LEU A 167 5.17 0.11 -2.24
C LEU A 167 4.97 -1.26 -1.57
N SER A 168 5.78 -1.56 -0.57
CA SER A 168 5.70 -2.84 0.12
C SER A 168 4.49 -2.95 1.04
N ASN A 169 3.95 -4.16 1.17
CA ASN A 169 2.80 -4.38 2.04
C ASN A 169 3.09 -3.99 3.48
N PRO A 170 4.26 -4.36 3.99
CA PRO A 170 4.58 -3.98 5.36
C PRO A 170 4.49 -2.48 5.56
N LEU A 171 4.74 -1.70 4.52
CA LEU A 171 4.67 -0.26 4.63
C LEU A 171 3.28 0.32 4.44
N ARG A 172 2.57 -0.07 3.38
CA ARG A 172 1.23 0.49 3.16
C ARG A 172 0.23 0.05 4.23
N ASP A 173 0.34 -1.21 4.66
CA ASP A 173 -0.57 -1.74 5.68
C ASP A 173 -0.41 -1.07 7.04
N ARG A 174 0.60 -0.20 7.18
CA ARG A 174 0.81 0.55 8.42
C ARG A 174 0.22 1.96 8.38
N PHE A 175 -0.36 2.32 7.24
CA PHE A 175 -1.04 3.61 7.11
C PHE A 175 -2.49 3.34 7.41
N GLY A 176 -3.00 3.98 8.46
CA GLY A 176 -4.40 3.78 8.84
C GLY A 176 -5.31 4.17 7.70
N MSE A 177 -4.94 5.24 7.01
CA MSE A 177 -5.71 5.78 5.89
C MSE A 177 -4.93 5.67 4.59
O MSE A 177 -3.77 6.04 4.51
CB MSE A 177 -6.07 7.23 6.19
CG MSE A 177 -7.20 7.39 7.19
SE MSE A 177 -7.22 9.12 8.09
CE MSE A 177 -5.72 8.78 9.30
N GLN A 178 -5.62 5.16 3.56
CA GLN A 178 -5.05 5.00 2.24
C GLN A 178 -6.02 5.59 1.22
N PHE A 179 -5.53 6.52 0.40
CA PHE A 179 -6.36 7.15 -0.61
C PHE A 179 -5.64 7.20 -1.94
N ARG A 180 -6.37 6.88 -3.00
CA ARG A 180 -5.82 6.91 -4.34
C ARG A 180 -6.51 8.03 -5.11
N LEU A 181 -5.78 9.08 -5.44
CA LEU A 181 -6.37 10.20 -6.17
C LEU A 181 -6.80 9.76 -7.55
N GLU A 182 -7.93 10.28 -7.99
CA GLU A 182 -8.48 9.99 -9.31
C GLU A 182 -8.21 11.19 -10.21
N PHE A 183 -8.35 11.00 -11.52
CA PHE A 183 -8.16 12.11 -12.43
C PHE A 183 -9.38 13.02 -12.33
N TYR A 184 -9.25 14.24 -12.88
CA TYR A 184 -10.32 15.21 -12.82
C TYR A 184 -11.18 15.27 -14.07
N LYS A 185 -12.46 15.59 -13.88
CA LYS A 185 -13.38 15.76 -14.98
C LYS A 185 -13.00 17.09 -15.61
N ASP A 186 -13.42 17.31 -16.85
CA ASP A 186 -13.12 18.58 -17.50
C ASP A 186 -13.85 19.71 -16.77
N SER A 187 -15.05 19.42 -16.28
CA SER A 187 -15.83 20.42 -15.55
C SER A 187 -15.14 20.79 -14.24
N GLU A 188 -14.42 19.85 -13.65
CA GLU A 188 -13.70 20.12 -12.41
C GLU A 188 -12.50 21.00 -12.71
N LEU A 189 -11.75 20.67 -13.76
CA LEU A 189 -10.60 21.50 -14.12
C LEU A 189 -11.11 22.90 -14.42
N ALA A 190 -12.19 23.01 -15.19
CA ALA A 190 -12.75 24.29 -15.53
C ALA A 190 -12.78 25.19 -14.29
N LEU A 191 -13.45 24.71 -13.24
CA LEU A 191 -13.55 25.47 -12.00
C LEU A 191 -12.17 25.84 -11.45
N ILE A 192 -11.25 24.88 -11.44
CA ILE A 192 -9.91 25.12 -10.93
C ILE A 192 -9.24 26.27 -11.69
N LEU A 193 -9.39 26.27 -13.02
CA LEU A 193 -8.82 27.30 -13.86
C LEU A 193 -9.48 28.66 -13.61
N GLN A 194 -10.80 28.66 -13.49
CA GLN A 194 -11.54 29.90 -13.26
C GLN A 194 -11.09 30.58 -11.97
N LYS A 195 -10.93 29.79 -10.91
CA LYS A 195 -10.51 30.35 -9.62
C LYS A 195 -9.05 30.78 -9.67
N ALA A 196 -8.19 29.95 -10.25
CA ALA A 196 -6.77 30.29 -10.37
C ALA A 196 -6.59 31.53 -11.22
N ALA A 197 -7.35 31.62 -12.31
CA ALA A 197 -7.28 32.77 -13.20
C ALA A 197 -7.54 34.04 -12.39
N LEU A 198 -8.57 33.98 -11.55
CA LEU A 198 -8.93 35.10 -10.69
C LEU A 198 -7.74 35.62 -9.89
N LYS A 199 -6.95 34.70 -9.31
CA LYS A 199 -5.78 35.10 -8.54
C LYS A 199 -4.75 35.80 -9.40
N LEU A 200 -4.72 35.47 -10.69
CA LEU A 200 -3.80 36.10 -11.63
C LEU A 200 -4.38 37.39 -12.21
N ASN A 201 -5.51 37.83 -11.66
CA ASN A 201 -6.19 39.07 -12.09
C ASN A 201 -6.73 38.94 -13.51
N LYS A 202 -7.37 37.81 -13.79
CA LYS A 202 -7.92 37.54 -15.10
C LYS A 202 -9.25 36.82 -14.97
N THR A 203 -10.14 37.02 -15.94
CA THR A 203 -11.42 36.34 -15.96
C THR A 203 -11.38 35.31 -17.08
N CYS A 204 -11.33 34.04 -16.73
CA CYS A 204 -11.30 32.98 -17.72
C CYS A 204 -12.71 32.49 -17.96
N GLU A 205 -13.27 32.86 -19.10
CA GLU A 205 -14.63 32.46 -19.44
C GLU A 205 -14.73 30.94 -19.43
N GLU A 206 -15.93 30.45 -19.14
CA GLU A 206 -16.18 29.01 -19.06
C GLU A 206 -15.64 28.26 -20.27
N LYS A 207 -16.02 28.74 -21.45
CA LYS A 207 -15.63 28.08 -22.69
C LYS A 207 -14.11 28.05 -22.85
N ALA A 208 -13.43 29.05 -22.29
CA ALA A 208 -11.97 29.09 -22.32
C ALA A 208 -11.43 28.03 -21.37
N ALA A 209 -12.03 27.93 -20.19
CA ALA A 209 -11.61 26.94 -19.21
C ALA A 209 -11.76 25.53 -19.76
N LEU A 210 -12.91 25.24 -20.37
CA LEU A 210 -13.18 23.92 -20.93
C LEU A 210 -12.18 23.52 -22.01
N GLU A 211 -11.76 24.48 -22.84
CA GLU A 211 -10.82 24.19 -23.91
C GLU A 211 -9.39 23.91 -23.41
N ILE A 212 -8.97 24.59 -22.34
CA ILE A 212 -7.66 24.35 -21.78
C ILE A 212 -7.69 22.99 -21.11
N ALA A 213 -8.74 22.75 -20.32
CA ALA A 213 -8.92 21.48 -19.62
C ALA A 213 -8.86 20.33 -20.62
N LYS A 214 -9.55 20.49 -21.74
CA LYS A 214 -9.60 19.47 -22.77
C LYS A 214 -8.22 18.96 -23.18
N ARG A 215 -7.20 19.83 -23.10
CA ARG A 215 -5.84 19.45 -23.47
C ARG A 215 -4.92 19.32 -22.25
N SER A 216 -5.49 19.35 -21.05
CA SER A 216 -4.69 19.28 -19.83
C SER A 216 -4.51 17.86 -19.29
N ARG A 217 -5.04 16.88 -20.01
CA ARG A 217 -4.89 15.48 -19.64
C ARG A 217 -5.38 15.25 -18.21
N SER A 218 -6.54 15.84 -17.92
CA SER A 218 -7.19 15.71 -16.61
C SER A 218 -6.25 15.96 -15.43
N THR A 219 -5.24 16.83 -15.60
CA THR A 219 -4.27 17.09 -14.55
C THR A 219 -4.13 18.58 -14.22
N PRO A 220 -4.53 18.97 -13.01
CA PRO A 220 -4.46 20.36 -12.57
C PRO A 220 -3.16 21.07 -12.90
N ARG A 221 -2.02 20.40 -12.74
CA ARG A 221 -0.73 21.04 -13.01
C ARG A 221 -0.56 21.42 -14.47
N ILE A 222 -0.90 20.51 -15.39
CA ILE A 222 -0.81 20.82 -16.81
C ILE A 222 -1.76 21.97 -17.14
N ALA A 223 -2.98 21.90 -16.64
CA ALA A 223 -3.97 22.94 -16.88
C ALA A 223 -3.52 24.30 -16.33
N LEU A 224 -2.93 24.31 -15.14
CA LEU A 224 -2.45 25.55 -14.54
C LEU A 224 -1.26 26.06 -15.33
N ARG A 225 -0.52 25.15 -15.96
CA ARG A 225 0.63 25.55 -16.77
C ARG A 225 0.10 26.22 -18.04
N LEU A 226 -0.82 25.56 -18.73
CA LEU A 226 -1.40 26.12 -19.95
C LEU A 226 -2.08 27.46 -19.68
N LEU A 227 -2.66 27.61 -18.49
CA LEU A 227 -3.32 28.85 -18.14
C LEU A 227 -2.33 30.00 -18.19
N LYS A 228 -1.16 29.82 -17.59
CA LYS A 228 -0.16 30.88 -17.59
C LYS A 228 0.29 31.27 -18.99
N ARG A 229 0.13 30.36 -19.95
CA ARG A 229 0.50 30.65 -21.34
C ARG A 229 -0.59 31.44 -22.03
N VAL A 230 -1.84 31.07 -21.77
CA VAL A 230 -2.96 31.77 -22.40
C VAL A 230 -2.98 33.20 -21.87
N ARG A 231 -2.70 33.34 -20.58
CA ARG A 231 -2.64 34.66 -19.96
C ARG A 231 -1.67 35.56 -20.71
N ASP A 232 -0.48 35.06 -20.99
CA ASP A 232 0.54 35.84 -21.68
C ASP A 232 0.03 36.42 -23.00
N PHE A 233 -0.79 35.66 -23.73
CA PHE A 233 -1.37 36.18 -24.97
C PHE A 233 -2.37 37.28 -24.63
N ALA A 234 -3.10 37.08 -23.54
CA ALA A 234 -4.05 38.09 -23.10
C ALA A 234 -3.30 39.38 -22.75
N ASP A 235 -2.21 39.26 -21.99
CA ASP A 235 -1.42 40.43 -21.60
C ASP A 235 -0.90 41.24 -22.78
N VAL A 236 -0.37 40.57 -23.80
CA VAL A 236 0.16 41.30 -24.96
C VAL A 236 -0.96 41.96 -25.75
N ASN A 237 -2.21 41.57 -25.50
CA ASN A 237 -3.35 42.17 -26.18
C ASN A 237 -4.17 43.07 -25.26
N ASP A 238 -3.57 43.47 -24.13
CA ASP A 238 -4.20 44.36 -23.16
C ASP A 238 -5.57 43.86 -22.69
N GLU A 239 -5.75 42.55 -22.67
CA GLU A 239 -7.02 41.94 -22.28
C GLU A 239 -7.00 41.33 -20.88
N GLU A 240 -8.14 41.42 -20.20
CA GLU A 240 -8.29 40.84 -18.87
C GLU A 240 -9.24 39.66 -18.90
N ILE A 241 -10.03 39.56 -19.97
CA ILE A 241 -10.97 38.46 -20.15
C ILE A 241 -10.43 37.47 -21.16
N ILE A 242 -10.09 36.27 -20.70
CA ILE A 242 -9.61 35.23 -21.59
C ILE A 242 -10.81 34.59 -22.24
N THR A 243 -10.94 34.77 -23.56
CA THR A 243 -12.05 34.22 -24.31
C THR A 243 -11.66 32.86 -24.89
N GLU A 244 -12.65 32.12 -25.38
CA GLU A 244 -12.40 30.82 -25.97
C GLU A 244 -11.55 30.98 -27.21
N LYS A 245 -11.87 31.98 -28.02
CA LYS A 245 -11.16 32.23 -29.26
C LYS A 245 -9.67 32.42 -29.00
N ARG A 246 -9.32 33.24 -28.02
CA ARG A 246 -7.91 33.49 -27.73
C ARG A 246 -7.25 32.30 -27.06
N ALA A 247 -8.02 31.53 -26.30
CA ALA A 247 -7.47 30.34 -25.67
C ALA A 247 -6.99 29.43 -26.80
N ASN A 248 -7.85 29.19 -27.78
CA ASN A 248 -7.50 28.36 -28.93
C ASN A 248 -6.30 28.91 -29.69
N GLU A 249 -6.24 30.23 -29.84
CA GLU A 249 -5.12 30.84 -30.52
C GLU A 249 -3.83 30.39 -29.84
N ALA A 250 -3.74 30.61 -28.54
CA ALA A 250 -2.56 30.23 -27.76
C ALA A 250 -2.25 28.75 -27.86
N LEU A 251 -3.23 27.92 -27.50
CA LEU A 251 -3.07 26.46 -27.55
C LEU A 251 -2.58 25.92 -28.89
N ASN A 252 -3.19 26.38 -29.97
CA ASN A 252 -2.76 25.92 -31.30
C ASN A 252 -1.39 26.48 -31.64
N SER A 253 -1.15 27.74 -31.29
CA SER A 253 0.13 28.37 -31.55
C SER A 253 1.28 27.62 -30.87
N LEU A 254 1.00 27.02 -29.72
CA LEU A 254 2.00 26.23 -28.99
C LEU A 254 2.04 24.79 -29.47
N GLY A 255 1.05 24.40 -30.27
CA GLY A 255 1.01 23.04 -30.77
C GLY A 255 0.69 22.06 -29.68
N VAL A 256 -0.11 22.46 -28.71
CA VAL A 256 -0.52 21.56 -27.64
C VAL A 256 -1.52 20.58 -28.25
N ASN A 257 -1.27 19.29 -28.13
CA ASN A 257 -2.16 18.29 -28.69
C ASN A 257 -3.60 18.62 -28.32
N GLU A 258 -4.49 18.53 -29.31
CA GLU A 258 -5.89 18.88 -29.14
C GLU A 258 -6.63 18.02 -28.10
N LEU A 259 -6.18 16.78 -27.94
CA LEU A 259 -6.81 15.85 -26.99
C LEU A 259 -5.99 15.68 -25.70
N GLY A 260 -4.82 16.30 -25.65
CA GLY A 260 -3.95 16.24 -24.47
C GLY A 260 -3.05 15.02 -24.36
N PHE A 261 -2.95 14.23 -25.43
CA PHE A 261 -2.12 13.02 -25.41
C PHE A 261 -0.63 13.32 -25.37
N ASP A 262 0.13 12.41 -24.75
CA ASP A 262 1.59 12.51 -24.73
C ASP A 262 2.08 11.80 -25.98
N ALA A 263 3.39 11.68 -26.12
CA ALA A 263 3.95 10.92 -27.21
C ALA A 263 3.78 9.44 -26.84
N MSE A 264 3.80 9.19 -25.53
CA MSE A 264 3.66 7.83 -24.99
C MSE A 264 2.22 7.34 -25.07
O MSE A 264 1.97 6.16 -25.30
CB MSE A 264 4.13 7.79 -23.54
CG MSE A 264 4.16 6.40 -22.94
SE MSE A 264 5.40 5.23 -23.87
CE MSE A 264 7.06 6.21 -23.53
N ASP A 265 1.26 8.24 -24.86
CA ASP A 265 -0.14 7.87 -24.95
C ASP A 265 -0.41 7.39 -26.37
N LEU A 266 0.08 8.15 -27.35
CA LEU A 266 -0.09 7.80 -28.75
C LEU A 266 0.58 6.48 -29.11
N ARG A 267 1.77 6.25 -28.54
CA ARG A 267 2.51 5.03 -28.81
C ARG A 267 1.81 3.81 -28.22
N TYR A 268 1.24 3.98 -27.04
CA TYR A 268 0.54 2.89 -26.36
C TYR A 268 -0.74 2.54 -27.10
N LEU A 269 -1.54 3.54 -27.43
CA LEU A 269 -2.79 3.31 -28.13
C LEU A 269 -2.52 2.72 -29.51
N GLU A 270 -1.46 3.19 -30.17
CA GLU A 270 -1.10 2.68 -31.49
C GLU A 270 -0.63 1.22 -31.41
N LEU A 271 0.00 0.85 -30.31
CA LEU A 271 0.46 -0.52 -30.12
C LEU A 271 -0.73 -1.48 -29.97
N LEU A 272 -1.70 -1.10 -29.14
CA LEU A 272 -2.89 -1.91 -28.93
C LEU A 272 -3.84 -1.83 -30.10
N THR A 273 -3.99 -0.64 -30.67
CA THR A 273 -4.87 -0.43 -31.80
C THR A 273 -4.30 -1.14 -33.03
N ALA A 274 -2.97 -1.19 -33.11
CA ALA A 274 -2.29 -1.89 -34.20
C ALA A 274 -2.69 -3.35 -34.14
N ALA A 275 -2.61 -3.91 -32.94
CA ALA A 275 -3.03 -5.28 -32.72
C ALA A 275 -4.56 -5.24 -32.81
N LYS A 276 -5.18 -6.36 -33.15
CA LYS A 276 -6.62 -6.40 -33.28
C LYS A 276 -7.22 -6.64 -31.90
N GLN A 277 -8.55 -6.73 -31.83
CA GLN A 277 -9.21 -6.97 -30.54
C GLN A 277 -8.69 -8.27 -29.91
N LYS A 278 -7.40 -8.26 -29.61
CA LYS A 278 -6.71 -9.38 -28.99
C LYS A 278 -5.84 -8.77 -27.90
N PRO A 279 -6.04 -9.20 -26.65
CA PRO A 279 -5.31 -8.62 -25.51
C PRO A 279 -3.80 -8.86 -25.50
N ILE A 280 -3.07 -7.80 -25.12
CA ILE A 280 -1.62 -7.85 -25.02
C ILE A 280 -1.25 -7.70 -23.55
N GLY A 281 -0.41 -8.60 -23.05
CA GLY A 281 0.02 -8.57 -21.66
C GLY A 281 1.23 -7.69 -21.45
N LEU A 282 1.40 -7.19 -20.23
CA LEU A 282 2.54 -6.34 -19.89
C LEU A 282 3.83 -6.87 -20.51
N ALA A 283 4.10 -8.16 -20.30
CA ALA A 283 5.29 -8.80 -20.83
C ALA A 283 5.58 -8.29 -22.25
N SER A 284 4.56 -8.36 -23.11
CA SER A 284 4.69 -7.91 -24.48
C SER A 284 4.77 -6.39 -24.55
N ILE A 285 3.75 -5.72 -24.01
CA ILE A 285 3.69 -4.27 -24.02
C ILE A 285 4.99 -3.64 -23.52
N ALA A 286 5.42 -4.06 -22.33
CA ALA A 286 6.65 -3.54 -21.73
C ALA A 286 7.83 -3.79 -22.66
N ALA A 287 7.85 -4.96 -23.28
CA ALA A 287 8.91 -5.32 -24.21
C ALA A 287 8.88 -4.41 -25.44
N ALA A 288 7.70 -4.22 -26.01
CA ALA A 288 7.52 -3.38 -27.19
C ALA A 288 7.91 -1.93 -26.92
N LEU A 289 7.32 -1.33 -25.90
CA LEU A 289 7.60 0.06 -25.56
C LEU A 289 8.90 0.25 -24.79
N SER A 290 9.75 -0.78 -24.78
CA SER A 290 11.03 -0.71 -24.07
C SER A 290 10.90 0.14 -22.81
N GLU A 291 9.89 -0.15 -22.00
CA GLU A 291 9.63 0.60 -20.78
C GLU A 291 9.40 -0.35 -19.62
N ASP A 292 9.64 0.13 -18.40
CA ASP A 292 9.46 -0.66 -17.20
C ASP A 292 8.03 -1.17 -17.06
N GLU A 293 7.88 -2.42 -16.62
CA GLU A 293 6.57 -3.03 -16.46
C GLU A 293 5.68 -2.30 -15.45
N ASN A 294 6.31 -1.72 -14.43
CA ASN A 294 5.59 -0.98 -13.39
C ASN A 294 5.19 0.41 -13.86
N THR A 295 5.99 0.99 -14.75
CA THR A 295 5.71 2.34 -15.27
C THR A 295 4.47 2.33 -16.16
N ILE A 296 4.15 1.17 -16.71
CA ILE A 296 2.98 1.04 -17.57
C ILE A 296 1.69 1.04 -16.72
N GLU A 297 1.70 0.31 -15.62
CA GLU A 297 0.52 0.23 -14.76
C GLU A 297 0.24 1.49 -13.95
N ASP A 298 1.29 2.03 -13.31
CA ASP A 298 1.13 3.19 -12.43
C ASP A 298 1.41 4.57 -13.03
N VAL A 299 1.79 4.65 -14.31
CA VAL A 299 2.08 5.96 -14.90
C VAL A 299 1.48 6.18 -16.28
N ILE A 300 1.62 5.20 -17.17
CA ILE A 300 1.10 5.34 -18.53
C ILE A 300 -0.38 5.00 -18.69
N GLU A 301 -0.83 3.93 -18.03
CA GLU A 301 -2.21 3.47 -18.14
C GLU A 301 -3.28 4.19 -17.31
N PRO A 302 -2.93 4.65 -16.09
CA PRO A 302 -3.93 5.30 -15.25
C PRO A 302 -4.84 6.29 -15.98
N TYR A 303 -4.26 7.22 -16.75
CA TYR A 303 -5.04 8.20 -17.49
C TYR A 303 -5.89 7.56 -18.60
N LEU A 304 -5.31 6.61 -19.32
CA LEU A 304 -6.01 5.94 -20.41
C LEU A 304 -7.23 5.18 -19.90
N LEU A 305 -7.04 4.43 -18.81
CA LEU A 305 -8.13 3.69 -18.18
C LEU A 305 -9.19 4.66 -17.67
N ALA A 306 -8.74 5.77 -17.10
CA ALA A 306 -9.65 6.77 -16.56
C ALA A 306 -10.57 7.36 -17.62
N ASN A 307 -10.03 7.66 -18.81
CA ASN A 307 -10.84 8.23 -19.89
C ASN A 307 -11.43 7.17 -20.80
N GLY A 308 -11.40 5.92 -20.35
CA GLY A 308 -11.97 4.81 -21.11
C GLY A 308 -11.36 4.54 -22.48
N TYR A 309 -10.04 4.60 -22.57
CA TYR A 309 -9.36 4.32 -23.84
C TYR A 309 -8.93 2.86 -23.94
N ILE A 310 -8.61 2.24 -22.79
CA ILE A 310 -8.19 0.84 -22.77
C ILE A 310 -8.79 0.11 -21.57
N GLU A 311 -8.72 -1.22 -21.63
CA GLU A 311 -9.25 -2.07 -20.55
C GLU A 311 -8.31 -3.23 -20.24
N ARG A 312 -8.26 -3.62 -18.97
CA ARG A 312 -7.42 -4.73 -18.52
C ARG A 312 -8.24 -6.00 -18.42
N THR A 313 -8.30 -6.75 -19.51
CA THR A 313 -9.08 -7.99 -19.55
C THR A 313 -8.41 -9.08 -18.72
N ALA A 314 -9.05 -10.25 -18.65
CA ALA A 314 -8.53 -11.38 -17.89
C ALA A 314 -7.15 -11.82 -18.35
N LYS A 315 -6.86 -11.65 -19.64
CA LYS A 315 -5.57 -12.07 -20.19
C LYS A 315 -4.94 -11.01 -21.09
N GLY A 316 -4.64 -9.84 -20.52
CA GLY A 316 -4.01 -8.75 -21.28
C GLY A 316 -4.86 -7.50 -21.39
N ARG A 317 -4.46 -6.60 -22.30
CA ARG A 317 -5.17 -5.33 -22.51
C ARG A 317 -5.74 -5.18 -23.92
N ILE A 318 -6.77 -4.35 -24.03
CA ILE A 318 -7.43 -4.08 -25.31
C ILE A 318 -7.87 -2.62 -25.41
N ALA A 319 -7.95 -2.10 -26.63
CA ALA A 319 -8.35 -0.72 -26.87
C ALA A 319 -9.85 -0.61 -27.18
N SER A 320 -10.52 0.33 -26.53
CA SER A 320 -11.95 0.54 -26.72
C SER A 320 -12.21 1.42 -27.95
N ALA A 321 -13.49 1.58 -28.30
CA ALA A 321 -13.89 2.42 -29.44
C ALA A 321 -13.27 3.80 -29.35
N LYS A 322 -13.20 4.36 -28.15
CA LYS A 322 -12.58 5.68 -27.91
C LYS A 322 -11.24 5.83 -28.61
N SER A 323 -10.37 4.83 -28.42
CA SER A 323 -9.02 4.84 -28.99
C SER A 323 -9.03 4.96 -30.51
N TYR A 324 -9.68 4.01 -31.18
CA TYR A 324 -9.76 4.01 -32.64
C TYR A 324 -10.24 5.34 -33.19
N SER A 325 -11.33 5.86 -32.62
CA SER A 325 -11.90 7.12 -33.07
C SER A 325 -11.09 8.33 -32.63
N ALA A 326 -10.41 8.21 -31.49
CA ALA A 326 -9.58 9.30 -30.97
C ALA A 326 -8.35 9.46 -31.83
N LEU A 327 -7.66 8.35 -32.11
CA LEU A 327 -6.45 8.37 -32.94
C LEU A 327 -6.76 8.87 -34.35
N LYS A 328 -7.83 8.38 -34.94
CA LYS A 328 -8.23 8.79 -36.28
C LYS A 328 -8.42 10.30 -36.27
N LEU A 329 -9.07 10.80 -35.22
CA LEU A 329 -9.33 12.22 -35.06
C LEU A 329 -8.07 13.05 -34.89
N ASN A 330 -7.09 12.50 -34.15
CA ASN A 330 -5.82 13.19 -33.91
C ASN A 330 -5.00 13.37 -35.18
N TYR A 331 -5.06 12.40 -36.08
CA TYR A 331 -4.29 12.46 -37.32
C TYR A 331 -5.04 12.95 -38.56
N GLU A 332 -6.22 13.55 -38.39
CA GLU A 332 -6.97 14.04 -39.56
C GLU A 332 -6.24 15.18 -40.26
N SER B 26 0.46 -10.18 25.49
CA SER B 26 -0.05 -11.48 24.95
C SER B 26 0.88 -12.63 25.33
N ASN B 27 0.31 -13.80 25.63
CA ASN B 27 1.09 -14.96 26.05
C ASN B 27 0.32 -16.29 26.01
N PHE B 28 -0.22 -16.62 24.84
CA PHE B 28 -0.97 -17.87 24.62
C PHE B 28 -2.23 -18.14 25.43
N ASP B 29 -2.39 -17.47 26.57
CA ASP B 29 -3.57 -17.70 27.40
C ASP B 29 -4.88 -17.59 26.60
N GLY B 30 -5.13 -16.42 26.02
CA GLY B 30 -6.33 -16.22 25.22
C GLY B 30 -6.00 -15.93 23.77
N TYR B 31 -4.91 -16.52 23.30
CA TYR B 31 -4.44 -16.30 21.94
C TYR B 31 -5.38 -16.92 20.90
N ILE B 32 -5.69 -16.14 19.86
CA ILE B 32 -6.58 -16.57 18.80
C ILE B 32 -5.85 -16.88 17.50
N GLY B 33 -6.21 -18.00 16.89
CA GLY B 33 -5.61 -18.40 15.62
C GLY B 33 -4.35 -19.23 15.76
N GLN B 34 -3.72 -19.53 14.62
CA GLN B 34 -2.49 -20.30 14.57
C GLN B 34 -2.56 -21.52 15.50
N GLU B 35 -3.66 -22.26 15.39
CA GLU B 35 -3.88 -23.43 16.24
C GLU B 35 -2.71 -24.41 16.24
N SER B 36 -2.23 -24.80 15.06
CA SER B 36 -1.14 -25.77 14.95
C SER B 36 0.19 -25.24 15.47
N ILE B 37 0.54 -24.00 15.14
CA ILE B 37 1.78 -23.42 15.62
C ILE B 37 1.78 -23.39 17.14
N LYS B 38 0.64 -23.02 17.72
CA LYS B 38 0.48 -22.96 19.16
C LYS B 38 0.62 -24.35 19.76
N LYS B 39 -0.02 -25.32 19.11
CA LYS B 39 0.00 -26.70 19.56
C LYS B 39 1.43 -27.23 19.58
N ASN B 40 2.16 -27.02 18.48
CA ASN B 40 3.52 -27.49 18.37
C ASN B 40 4.46 -26.75 19.33
N LEU B 41 4.32 -25.43 19.43
CA LEU B 41 5.16 -24.65 20.34
C LEU B 41 4.99 -25.09 21.79
N ASN B 42 3.75 -25.33 22.21
CA ASN B 42 3.52 -25.77 23.57
C ASN B 42 4.33 -27.04 23.90
N VAL B 43 4.47 -27.91 22.91
CA VAL B 43 5.23 -29.13 23.10
C VAL B 43 6.73 -28.85 23.18
N PHE B 44 7.25 -28.07 22.24
CA PHE B 44 8.68 -27.78 22.23
C PHE B 44 9.11 -26.92 23.42
N ILE B 45 8.24 -26.00 23.83
CA ILE B 45 8.56 -25.15 24.96
C ILE B 45 8.57 -25.98 26.23
N ALA B 46 7.71 -27.00 26.28
CA ALA B 46 7.64 -27.89 27.44
C ALA B 46 8.89 -28.76 27.50
N ALA B 47 9.21 -29.41 26.38
CA ALA B 47 10.39 -30.28 26.31
C ALA B 47 11.66 -29.49 26.59
N ALA B 48 11.76 -28.30 26.02
CA ALA B 48 12.93 -27.44 26.22
C ALA B 48 13.16 -27.14 27.69
N LYS B 49 12.14 -26.60 28.35
CA LYS B 49 12.22 -26.27 29.77
C LYS B 49 12.40 -27.52 30.62
N LYS B 50 11.77 -28.62 30.22
CA LYS B 50 11.88 -29.86 30.97
C LYS B 50 13.34 -30.28 31.11
N ARG B 51 14.18 -29.89 30.15
CA ARG B 51 15.60 -30.21 30.21
C ARG B 51 16.47 -28.96 30.41
N ASN B 52 15.93 -27.97 31.12
CA ASN B 52 16.65 -26.72 31.40
C ASN B 52 17.46 -26.18 30.23
N GLU B 53 16.81 -26.05 29.08
CA GLU B 53 17.47 -25.54 27.88
C GLU B 53 16.56 -24.53 27.21
N CYS B 54 17.13 -23.75 26.29
CA CYS B 54 16.37 -22.78 25.53
C CYS B 54 16.09 -23.38 24.16
N LEU B 55 14.94 -23.03 23.58
CA LEU B 55 14.52 -23.52 22.28
C LEU B 55 15.59 -23.46 21.20
N ASP B 56 15.50 -24.37 20.23
CA ASP B 56 16.39 -24.35 19.09
C ASP B 56 15.95 -23.20 18.21
N HIS B 57 16.62 -23.04 17.07
CA HIS B 57 16.30 -21.93 16.17
C HIS B 57 14.96 -22.15 15.51
N ILE B 58 14.22 -21.05 15.32
CA ILE B 58 12.88 -21.11 14.76
C ILE B 58 12.78 -20.24 13.52
N LEU B 59 11.96 -20.68 12.57
CA LEU B 59 11.72 -19.93 11.34
C LEU B 59 10.24 -19.74 11.14
N PHE B 60 9.81 -18.47 11.12
CA PHE B 60 8.43 -18.12 10.87
C PHE B 60 8.32 -17.65 9.43
N SER B 61 7.39 -18.25 8.69
CA SER B 61 7.15 -17.95 7.30
C SER B 61 5.69 -17.56 7.09
N GLY B 62 5.44 -16.62 6.18
CA GLY B 62 4.07 -16.20 5.90
C GLY B 62 3.92 -14.74 5.48
N PRO B 63 2.82 -14.42 4.79
CA PRO B 63 2.58 -13.05 4.36
C PRO B 63 2.63 -12.07 5.52
N ALA B 64 2.98 -10.82 5.21
CA ALA B 64 3.08 -9.76 6.22
C ALA B 64 1.78 -9.55 6.99
N GLY B 65 1.91 -9.22 8.27
CA GLY B 65 0.76 -8.93 9.14
C GLY B 65 -0.01 -10.09 9.75
N LEU B 66 0.49 -11.31 9.63
CA LEU B 66 -0.21 -12.48 10.21
C LEU B 66 0.14 -12.77 11.65
N GLY B 67 1.23 -12.17 12.16
CA GLY B 67 1.61 -12.33 13.55
C GLY B 67 2.95 -12.97 13.89
N LYS B 68 3.96 -12.84 13.02
CA LYS B 68 5.26 -13.43 13.31
C LYS B 68 5.87 -12.76 14.54
N THR B 69 5.87 -11.44 14.55
CA THR B 69 6.47 -10.71 15.67
C THR B 69 5.71 -10.97 16.97
N THR B 70 4.39 -11.13 16.87
CA THR B 70 3.59 -11.38 18.05
C THR B 70 4.01 -12.72 18.65
N LEU B 71 4.09 -13.76 17.81
CA LEU B 71 4.50 -15.09 18.28
C LEU B 71 5.87 -15.05 18.92
N ALA B 72 6.81 -14.33 18.30
CA ALA B 72 8.16 -14.21 18.83
C ALA B 72 8.13 -13.62 20.25
N ASN B 73 7.28 -12.64 20.47
CA ASN B 73 7.16 -12.02 21.80
C ASN B 73 6.58 -12.99 22.80
N ILE B 74 5.57 -13.74 22.39
CA ILE B 74 4.96 -14.73 23.27
C ILE B 74 6.02 -15.75 23.72
N ILE B 75 6.85 -16.19 22.77
CA ILE B 75 7.89 -17.16 23.10
C ILE B 75 8.81 -16.55 24.15
N SER B 76 9.12 -15.28 23.99
CA SER B 76 9.98 -14.57 24.93
C SER B 76 9.40 -14.60 26.33
N TYR B 77 8.07 -14.53 26.42
CA TYR B 77 7.37 -14.55 27.69
C TYR B 77 7.32 -15.96 28.27
N GLU B 78 7.00 -16.94 27.44
CA GLU B 78 6.91 -18.32 27.89
C GLU B 78 8.25 -18.78 28.42
N MSE B 79 9.32 -18.46 27.69
CA MSE B 79 10.67 -18.82 28.09
C MSE B 79 11.26 -17.79 29.05
O MSE B 79 12.38 -17.93 29.52
CB MSE B 79 11.58 -18.92 26.86
CG MSE B 79 11.08 -19.89 25.81
SE MSE B 79 10.99 -21.72 26.46
CE MSE B 79 12.86 -22.00 26.88
N SER B 80 10.47 -16.74 29.33
CA SER B 80 10.89 -15.66 30.22
C SER B 80 12.33 -15.26 29.92
N ALA B 81 12.56 -14.85 28.68
CA ALA B 81 13.88 -14.43 28.22
C ALA B 81 13.78 -13.11 27.48
N ASN B 82 14.91 -12.41 27.37
CA ASN B 82 14.95 -11.14 26.67
C ASN B 82 14.88 -11.39 25.17
N ILE B 83 14.43 -10.39 24.42
CA ILE B 83 14.31 -10.51 22.97
C ILE B 83 14.83 -9.25 22.28
N LYS B 84 15.80 -9.43 21.38
CA LYS B 84 16.39 -8.33 20.63
C LYS B 84 16.01 -8.42 19.14
N THR B 85 15.43 -7.34 18.63
CA THR B 85 14.95 -7.28 17.24
C THR B 85 15.90 -6.55 16.29
N THR B 86 15.94 -7.02 15.05
CA THR B 86 16.77 -6.43 14.00
C THR B 86 16.32 -6.98 12.65
N ALA B 87 16.92 -6.49 11.58
CA ALA B 87 16.56 -6.94 10.24
C ALA B 87 17.78 -7.07 9.35
N ALA B 88 17.65 -7.88 8.30
CA ALA B 88 18.75 -8.13 7.36
C ALA B 88 19.35 -6.82 6.82
N PRO B 89 18.52 -5.90 6.33
CA PRO B 89 19.05 -4.65 5.79
C PRO B 89 19.76 -3.77 6.83
N MSE B 90 19.48 -3.98 8.11
CA MSE B 90 20.15 -3.22 9.16
C MSE B 90 21.52 -3.81 9.47
O MSE B 90 22.32 -3.21 10.17
CB MSE B 90 19.28 -3.16 10.42
CG MSE B 90 17.96 -2.43 10.21
SE MSE B 90 16.88 -2.35 11.84
CE MSE B 90 18.13 -1.36 12.97
N ILE B 91 21.78 -5.01 8.95
CA ILE B 91 23.07 -5.67 9.12
C ILE B 91 23.81 -5.57 7.80
N GLU B 92 24.53 -4.48 7.61
CA GLU B 92 25.25 -4.25 6.35
C GLU B 92 26.42 -5.20 6.07
N LYS B 93 27.51 -5.11 6.83
CA LYS B 93 28.66 -5.97 6.54
C LYS B 93 29.47 -6.40 7.77
N SER B 94 29.35 -7.68 8.10
CA SER B 94 30.09 -8.30 9.20
C SER B 94 29.96 -7.50 10.49
N GLY B 95 30.89 -6.57 10.69
CA GLY B 95 30.96 -5.79 11.92
C GLY B 95 29.62 -5.64 12.61
N ASP B 96 28.57 -5.49 11.81
CA ASP B 96 27.22 -5.34 12.32
C ASP B 96 26.75 -6.59 13.06
N LEU B 97 26.84 -7.74 12.40
CA LEU B 97 26.40 -9.01 12.97
C LEU B 97 27.26 -9.44 14.15
N ALA B 98 28.58 -9.37 13.98
CA ALA B 98 29.52 -9.74 15.04
C ALA B 98 29.24 -8.99 16.33
N ALA B 99 28.85 -7.73 16.21
CA ALA B 99 28.55 -6.89 17.38
C ALA B 99 27.28 -7.36 18.09
N ILE B 100 26.25 -7.72 17.34
CA ILE B 100 24.98 -8.15 17.91
C ILE B 100 25.08 -9.45 18.71
N LEU B 101 25.79 -10.43 18.17
CA LEU B 101 25.95 -11.70 18.85
C LEU B 101 26.81 -11.56 20.11
N THR B 102 27.85 -10.74 20.02
CA THR B 102 28.75 -10.54 21.16
C THR B 102 28.01 -9.92 22.34
N ASN B 103 27.00 -9.10 22.06
CA ASN B 103 26.23 -8.47 23.13
C ASN B 103 25.00 -9.28 23.52
N LEU B 104 25.10 -10.60 23.41
CA LEU B 104 24.01 -11.49 23.81
C LEU B 104 24.30 -12.04 25.19
N SER B 105 23.46 -12.98 25.62
CA SER B 105 23.61 -13.61 26.92
C SER B 105 22.99 -15.00 26.88
N GLU B 106 23.86 -16.01 26.79
CA GLU B 106 23.44 -17.41 26.73
C GLU B 106 22.01 -17.57 27.27
N GLY B 107 21.06 -17.79 26.35
CA GLY B 107 19.64 -17.97 26.71
C GLY B 107 18.75 -16.88 26.12
N ASP B 108 19.37 -15.83 25.57
CA ASP B 108 18.67 -14.69 25.00
C ASP B 108 18.02 -15.07 23.64
N ILE B 109 17.15 -14.21 23.12
CA ILE B 109 16.47 -14.47 21.83
C ILE B 109 16.72 -13.36 20.80
N LEU B 110 17.29 -13.75 19.66
CA LEU B 110 17.60 -12.81 18.58
C LEU B 110 16.63 -12.96 17.41
N PHE B 111 15.77 -11.95 17.21
CA PHE B 111 14.78 -11.96 16.14
C PHE B 111 15.27 -11.17 14.94
N ILE B 112 15.48 -11.85 13.81
CA ILE B 112 15.95 -11.22 12.58
C ILE B 112 14.87 -11.29 11.51
N ASP B 113 14.44 -10.11 11.05
CA ASP B 113 13.37 -10.03 10.05
C ASP B 113 13.94 -9.92 8.64
N GLU B 114 13.16 -10.37 7.66
CA GLU B 114 13.56 -10.34 6.25
C GLU B 114 14.86 -11.12 6.09
N ILE B 115 14.98 -12.22 6.84
CA ILE B 115 16.20 -13.03 6.86
C ILE B 115 16.67 -13.52 5.48
N HIS B 116 15.76 -13.67 4.52
CA HIS B 116 16.14 -14.12 3.19
C HIS B 116 16.81 -12.99 2.40
N ARG B 117 16.93 -11.82 3.04
CA ARG B 117 17.50 -10.64 2.42
C ARG B 117 19.00 -10.53 2.70
N LEU B 118 19.55 -11.48 3.45
CA LEU B 118 20.97 -11.44 3.76
C LEU B 118 21.84 -11.86 2.58
N SER B 119 23.07 -11.37 2.56
CA SER B 119 24.02 -11.71 1.50
C SER B 119 24.68 -13.04 1.85
N PRO B 120 25.33 -13.69 0.87
CA PRO B 120 25.99 -14.96 1.15
C PRO B 120 27.10 -14.81 2.19
N ALA B 121 27.71 -13.62 2.24
CA ALA B 121 28.78 -13.33 3.19
C ALA B 121 28.26 -13.34 4.63
N ILE B 122 27.25 -12.52 4.88
CA ILE B 122 26.65 -12.43 6.21
C ILE B 122 25.95 -13.74 6.55
N GLU B 123 25.37 -14.37 5.53
CA GLU B 123 24.69 -15.64 5.69
C GLU B 123 25.72 -16.71 6.09
N GLU B 124 26.94 -16.53 5.59
CA GLU B 124 28.03 -17.44 5.90
C GLU B 124 28.49 -17.28 7.35
N VAL B 125 28.44 -16.05 7.84
CA VAL B 125 28.85 -15.75 9.22
C VAL B 125 27.78 -16.18 10.22
N LEU B 126 26.57 -16.46 9.72
CA LEU B 126 25.47 -16.85 10.59
C LEU B 126 25.37 -18.36 10.79
N TYR B 127 25.68 -19.15 9.75
CA TYR B 127 25.61 -20.61 9.88
C TYR B 127 26.34 -21.14 11.10
N PRO B 128 27.60 -20.69 11.32
CA PRO B 128 28.36 -21.20 12.46
C PRO B 128 27.78 -20.78 13.81
N ALA B 129 27.57 -19.48 14.00
CA ALA B 129 27.03 -18.97 15.25
C ALA B 129 25.78 -19.74 15.69
N MSE B 130 24.92 -20.08 14.73
CA MSE B 130 23.69 -20.83 15.01
C MSE B 130 23.98 -22.25 15.47
O MSE B 130 23.24 -22.82 16.27
CB MSE B 130 22.81 -20.92 13.76
CG MSE B 130 22.17 -19.62 13.32
SE MSE B 130 21.22 -19.84 11.64
CE MSE B 130 20.00 -21.28 12.13
N GLU B 131 25.07 -22.82 14.96
CA GLU B 131 25.41 -24.20 15.27
C GLU B 131 26.62 -24.35 16.19
N ASP B 132 27.66 -23.54 16.00
CA ASP B 132 28.88 -23.65 16.80
C ASP B 132 28.90 -22.83 18.09
N TYR B 133 28.32 -21.64 18.06
CA TYR B 133 28.30 -20.76 19.24
C TYR B 133 29.69 -20.27 19.60
N PRO B 153 27.83 -19.33 23.67
CA PRO B 153 26.68 -18.79 24.41
C PRO B 153 25.35 -19.23 23.81
N LYS B 154 24.91 -20.44 24.14
CA LYS B 154 23.65 -20.98 23.62
C LYS B 154 22.48 -19.98 23.66
N PHE B 155 21.93 -19.68 22.48
CA PHE B 155 20.81 -18.74 22.36
C PHE B 155 19.79 -19.25 21.34
N THR B 156 18.71 -18.50 21.14
CA THR B 156 17.67 -18.90 20.18
C THR B 156 17.47 -17.86 19.10
N LEU B 157 17.65 -18.28 17.84
CA LEU B 157 17.49 -17.39 16.71
C LEU B 157 16.12 -17.59 16.08
N ILE B 158 15.40 -16.49 15.88
CA ILE B 158 14.09 -16.54 15.27
C ILE B 158 14.16 -15.74 13.98
N GLY B 159 14.01 -16.44 12.86
CA GLY B 159 14.05 -15.81 11.55
C GLY B 159 12.65 -15.63 11.03
N ALA B 160 12.41 -14.50 10.39
CA ALA B 160 11.09 -14.20 9.83
C ALA B 160 11.26 -13.85 8.36
N THR B 161 10.35 -14.37 7.55
CA THR B 161 10.39 -14.11 6.12
C THR B 161 9.01 -14.27 5.51
N THR B 162 8.73 -13.46 4.51
CA THR B 162 7.46 -13.50 3.82
C THR B 162 7.64 -14.28 2.53
N ARG B 163 8.85 -14.78 2.32
CA ARG B 163 9.18 -15.52 1.11
C ARG B 163 9.94 -16.80 1.40
N ALA B 164 9.22 -17.84 1.82
CA ALA B 164 9.82 -19.12 2.13
C ALA B 164 10.52 -19.71 0.90
N GLY B 165 9.86 -19.64 -0.25
CA GLY B 165 10.42 -20.15 -1.50
C GLY B 165 11.56 -19.29 -2.02
N MSE B 166 11.83 -18.19 -1.33
CA MSE B 166 12.91 -17.27 -1.68
C MSE B 166 14.15 -17.60 -0.85
O MSE B 166 15.25 -17.17 -1.18
CB MSE B 166 12.46 -15.84 -1.36
CG MSE B 166 13.29 -14.72 -1.94
SE MSE B 166 12.91 -14.42 -3.83
CE MSE B 166 14.15 -12.96 -4.16
N LEU B 167 13.95 -18.35 0.23
CA LEU B 167 15.05 -18.70 1.13
C LEU B 167 15.72 -19.99 0.66
N SER B 168 17.04 -20.07 0.84
CA SER B 168 17.82 -21.22 0.37
C SER B 168 17.67 -22.44 1.29
N ASN B 169 17.78 -23.62 0.69
CA ASN B 169 17.69 -24.87 1.44
C ASN B 169 18.76 -24.99 2.52
N PRO B 170 20.02 -24.65 2.17
CA PRO B 170 21.09 -24.72 3.16
C PRO B 170 20.74 -24.02 4.46
N LEU B 171 20.25 -22.78 4.39
CA LEU B 171 19.89 -22.04 5.60
C LEU B 171 18.61 -22.56 6.22
N ARG B 172 17.56 -22.76 5.42
CA ARG B 172 16.30 -23.27 5.91
C ARG B 172 16.45 -24.53 6.76
N ASP B 173 17.28 -25.47 6.29
CA ASP B 173 17.51 -26.75 6.98
C ASP B 173 18.23 -26.64 8.33
N ARG B 174 18.74 -25.45 8.67
CA ARG B 174 19.47 -25.29 9.94
C ARG B 174 18.58 -24.79 11.08
N PHE B 175 17.35 -24.38 10.76
CA PHE B 175 16.39 -23.96 11.78
C PHE B 175 15.66 -25.19 12.25
N GLY B 176 15.91 -25.59 13.50
CA GLY B 176 15.27 -26.79 14.05
C GLY B 176 13.78 -26.83 13.85
N MSE B 177 13.13 -25.67 13.99
CA MSE B 177 11.68 -25.56 13.87
C MSE B 177 11.28 -24.64 12.72
O MSE B 177 11.85 -23.57 12.55
CB MSE B 177 11.11 -25.01 15.16
CG MSE B 177 11.09 -26.01 16.28
SE MSE B 177 10.98 -25.16 18.03
CE MSE B 177 12.87 -24.67 18.20
N GLN B 178 10.28 -25.07 11.95
CA GLN B 178 9.79 -24.29 10.83
C GLN B 178 8.28 -24.23 10.87
N PHE B 179 7.74 -23.01 10.88
CA PHE B 179 6.30 -22.78 10.93
C PHE B 179 5.87 -21.81 9.84
N ARG B 180 4.80 -22.18 9.13
CA ARG B 180 4.25 -21.31 8.11
C ARG B 180 2.98 -20.72 8.70
N LEU B 181 3.01 -19.47 9.16
CA LEU B 181 1.78 -18.90 9.69
C LEU B 181 0.70 -19.07 8.62
N GLU B 182 -0.54 -19.21 9.05
CA GLU B 182 -1.66 -19.39 8.13
C GLU B 182 -2.63 -18.24 8.27
N PHE B 183 -3.46 -18.05 7.26
CA PHE B 183 -4.45 -16.99 7.30
C PHE B 183 -5.48 -17.34 8.37
N TYR B 184 -6.20 -16.33 8.85
CA TYR B 184 -7.19 -16.53 9.90
C TYR B 184 -8.58 -16.73 9.33
N LYS B 185 -9.37 -17.55 10.02
CA LYS B 185 -10.76 -17.78 9.61
C LYS B 185 -11.59 -16.57 10.02
N ASP B 186 -12.66 -16.29 9.27
CA ASP B 186 -13.52 -15.15 9.57
C ASP B 186 -13.86 -15.03 11.07
N SER B 187 -14.27 -16.14 11.67
CA SER B 187 -14.64 -16.16 13.09
C SER B 187 -13.48 -15.75 14.00
N GLU B 188 -12.26 -16.18 13.65
CA GLU B 188 -11.09 -15.83 14.44
C GLU B 188 -10.84 -14.32 14.38
N LEU B 189 -10.82 -13.76 13.18
CA LEU B 189 -10.65 -12.30 13.04
C LEU B 189 -11.73 -11.56 13.81
N ALA B 190 -12.98 -11.98 13.61
CA ALA B 190 -14.10 -11.33 14.27
C ALA B 190 -13.83 -11.18 15.77
N LEU B 191 -13.41 -12.27 16.40
CA LEU B 191 -13.12 -12.25 17.82
C LEU B 191 -11.98 -11.28 18.14
N ILE B 192 -10.95 -11.28 17.31
CA ILE B 192 -9.80 -10.40 17.47
C ILE B 192 -10.27 -8.95 17.36
N LEU B 193 -11.08 -8.67 16.36
CA LEU B 193 -11.61 -7.32 16.16
C LEU B 193 -12.42 -6.88 17.38
N GLN B 194 -13.34 -7.73 17.83
CA GLN B 194 -14.16 -7.44 19.00
C GLN B 194 -13.29 -7.07 20.22
N LYS B 195 -12.19 -7.79 20.42
CA LYS B 195 -11.30 -7.49 21.54
C LYS B 195 -10.60 -6.15 21.38
N ALA B 196 -10.15 -5.84 20.16
CA ALA B 196 -9.50 -4.57 19.92
C ALA B 196 -10.54 -3.47 20.14
N ALA B 197 -11.76 -3.71 19.69
CA ALA B 197 -12.85 -2.76 19.84
C ALA B 197 -13.05 -2.37 21.30
N LEU B 198 -12.99 -3.36 22.20
CA LEU B 198 -13.16 -3.08 23.62
C LEU B 198 -12.09 -2.09 24.09
N LYS B 199 -10.85 -2.33 23.69
CA LYS B 199 -9.74 -1.46 24.05
C LYS B 199 -9.97 -0.07 23.45
N LEU B 200 -10.75 0.00 22.37
CA LEU B 200 -11.09 1.28 21.75
C LEU B 200 -12.45 1.77 22.29
N ASN B 201 -12.79 1.34 23.50
CA ASN B 201 -14.03 1.73 24.17
C ASN B 201 -15.30 1.62 23.30
N LYS B 202 -15.43 0.54 22.54
CA LYS B 202 -16.62 0.34 21.73
C LYS B 202 -16.98 -1.13 21.54
N THR B 203 -18.28 -1.42 21.50
CA THR B 203 -18.79 -2.77 21.31
C THR B 203 -18.98 -3.04 19.84
N CYS B 204 -18.35 -4.09 19.34
CA CYS B 204 -18.46 -4.42 17.93
C CYS B 204 -19.35 -5.63 17.73
N GLU B 205 -20.53 -5.42 17.15
CA GLU B 205 -21.45 -6.51 16.89
C GLU B 205 -20.76 -7.60 16.05
N GLU B 206 -21.19 -8.84 16.24
CA GLU B 206 -20.62 -9.97 15.53
C GLU B 206 -20.67 -9.75 14.01
N LYS B 207 -21.87 -9.47 13.50
CA LYS B 207 -22.06 -9.23 12.07
C LYS B 207 -21.16 -8.10 11.56
N ALA B 208 -20.88 -7.12 12.42
CA ALA B 208 -20.01 -6.01 12.06
C ALA B 208 -18.56 -6.47 12.00
N ALA B 209 -18.18 -7.35 12.93
CA ALA B 209 -16.81 -7.86 12.96
C ALA B 209 -16.57 -8.76 11.76
N LEU B 210 -17.53 -9.64 11.46
CA LEU B 210 -17.41 -10.52 10.30
C LEU B 210 -17.26 -9.72 9.01
N GLU B 211 -18.12 -8.74 8.80
CA GLU B 211 -18.06 -7.91 7.61
C GLU B 211 -16.65 -7.35 7.41
N ILE B 212 -16.09 -6.77 8.48
CA ILE B 212 -14.74 -6.22 8.42
C ILE B 212 -13.76 -7.35 8.15
N ALA B 213 -13.94 -8.46 8.87
CA ALA B 213 -13.08 -9.63 8.70
C ALA B 213 -13.02 -9.99 7.23
N LYS B 214 -14.22 -10.12 6.64
CA LYS B 214 -14.40 -10.48 5.24
C LYS B 214 -13.56 -9.60 4.31
N ARG B 215 -13.60 -8.29 4.50
CA ARG B 215 -12.84 -7.39 3.63
C ARG B 215 -11.40 -7.12 4.10
N SER B 216 -10.98 -7.71 5.21
CA SER B 216 -9.61 -7.46 5.70
C SER B 216 -8.61 -8.51 5.22
N ARG B 217 -8.98 -9.19 4.13
CA ARG B 217 -8.15 -10.20 3.48
C ARG B 217 -7.54 -11.22 4.44
N SER B 218 -8.34 -11.63 5.44
CA SER B 218 -7.89 -12.60 6.42
C SER B 218 -6.59 -12.20 7.09
N THR B 219 -6.32 -10.90 7.20
CA THR B 219 -5.07 -10.43 7.79
C THR B 219 -5.23 -9.45 8.98
N PRO B 220 -4.89 -9.92 10.19
CA PRO B 220 -4.98 -9.11 11.40
C PRO B 220 -4.63 -7.63 11.25
N ARG B 221 -3.50 -7.31 10.63
CA ARG B 221 -3.11 -5.91 10.51
C ARG B 221 -4.13 -5.10 9.73
N ILE B 222 -4.55 -5.64 8.59
CA ILE B 222 -5.54 -4.95 7.78
C ILE B 222 -6.85 -4.84 8.58
N ALA B 223 -7.28 -5.95 9.16
CA ALA B 223 -8.51 -5.97 9.93
C ALA B 223 -8.51 -4.86 10.96
N LEU B 224 -7.46 -4.85 11.78
CA LEU B 224 -7.31 -3.83 12.84
C LEU B 224 -7.38 -2.42 12.28
N ARG B 225 -6.63 -2.18 11.21
CA ARG B 225 -6.62 -0.89 10.52
C ARG B 225 -8.03 -0.48 10.08
N LEU B 226 -8.76 -1.40 9.47
CA LEU B 226 -10.13 -1.09 9.03
C LEU B 226 -11.03 -0.81 10.24
N LEU B 227 -10.78 -1.50 11.35
CA LEU B 227 -11.57 -1.31 12.55
C LEU B 227 -11.50 0.14 13.01
N LYS B 228 -10.30 0.71 12.97
CA LYS B 228 -10.12 2.09 13.40
C LYS B 228 -10.86 3.06 12.49
N ARG B 229 -10.95 2.75 11.21
CA ARG B 229 -11.67 3.62 10.29
C ARG B 229 -13.16 3.55 10.59
N VAL B 230 -13.65 2.36 10.93
CA VAL B 230 -15.05 2.19 11.28
C VAL B 230 -15.32 2.87 12.64
N ARG B 231 -14.35 2.81 13.55
CA ARG B 231 -14.49 3.47 14.84
C ARG B 231 -14.82 4.93 14.61
N ASP B 232 -14.13 5.54 13.64
CA ASP B 232 -14.34 6.94 13.32
C ASP B 232 -15.77 7.21 12.84
N PHE B 233 -16.29 6.35 11.97
CA PHE B 233 -17.66 6.54 11.52
C PHE B 233 -18.63 6.44 12.69
N ALA B 234 -18.28 5.62 13.66
CA ALA B 234 -19.09 5.48 14.88
C ALA B 234 -19.02 6.78 15.69
N ASP B 235 -17.81 7.30 15.90
CA ASP B 235 -17.62 8.55 16.67
C ASP B 235 -18.46 9.70 16.14
N VAL B 236 -18.41 9.90 14.84
CA VAL B 236 -19.14 10.96 14.18
C VAL B 236 -20.64 10.87 14.43
N ASN B 237 -21.13 9.66 14.70
CA ASN B 237 -22.55 9.47 14.96
C ASN B 237 -22.84 9.19 16.44
N ASP B 238 -21.88 9.48 17.30
CA ASP B 238 -22.01 9.28 18.74
C ASP B 238 -22.46 7.85 19.07
N GLU B 239 -21.92 6.88 18.34
CA GLU B 239 -22.27 5.50 18.55
C GLU B 239 -21.18 4.71 19.24
N GLU B 240 -21.55 3.99 20.30
CA GLU B 240 -20.62 3.13 21.03
C GLU B 240 -20.70 1.72 20.47
N ILE B 241 -21.80 1.40 19.80
CA ILE B 241 -22.02 0.08 19.24
C ILE B 241 -21.79 0.10 17.74
N ILE B 242 -20.75 -0.60 17.29
CA ILE B 242 -20.45 -0.67 15.86
C ILE B 242 -21.35 -1.71 15.22
N THR B 243 -22.31 -1.26 14.44
CA THR B 243 -23.27 -2.14 13.80
C THR B 243 -22.83 -2.47 12.38
N GLU B 244 -23.46 -3.47 11.78
CA GLU B 244 -23.13 -3.88 10.43
C GLU B 244 -23.42 -2.76 9.44
N LYS B 245 -24.56 -2.07 9.63
CA LYS B 245 -24.92 -0.96 8.74
C LYS B 245 -23.81 0.04 8.70
N ARG B 246 -23.37 0.47 9.88
CA ARG B 246 -22.32 1.47 9.99
C ARG B 246 -21.02 0.96 9.39
N ALA B 247 -20.74 -0.33 9.57
CA ALA B 247 -19.55 -0.94 9.03
C ALA B 247 -19.57 -0.84 7.50
N ASN B 248 -20.65 -1.31 6.87
CA ASN B 248 -20.76 -1.25 5.43
C ASN B 248 -20.58 0.17 4.93
N GLU B 249 -21.26 1.12 5.56
CA GLU B 249 -21.15 2.52 5.16
C GLU B 249 -19.68 2.92 5.08
N ALA B 250 -18.92 2.59 6.13
CA ALA B 250 -17.50 2.92 6.17
C ALA B 250 -16.71 2.19 5.08
N LEU B 251 -16.76 0.86 5.10
CA LEU B 251 -16.02 0.06 4.10
C LEU B 251 -16.33 0.51 2.67
N ASN B 252 -17.60 0.79 2.39
CA ASN B 252 -18.01 1.22 1.05
C ASN B 252 -17.51 2.62 0.71
N SER B 253 -17.58 3.52 1.69
CA SER B 253 -17.13 4.88 1.50
C SER B 253 -15.65 4.89 1.18
N LEU B 254 -14.89 4.06 1.89
CA LEU B 254 -13.44 3.96 1.65
C LEU B 254 -13.13 3.22 0.36
N GLY B 255 -14.12 2.53 -0.19
CA GLY B 255 -13.93 1.79 -1.43
C GLY B 255 -13.19 0.47 -1.26
N VAL B 256 -13.26 -0.11 -0.06
CA VAL B 256 -12.61 -1.40 0.19
C VAL B 256 -13.43 -2.49 -0.52
N ASN B 257 -12.74 -3.37 -1.24
CA ASN B 257 -13.41 -4.44 -1.97
C ASN B 257 -14.27 -5.27 -1.01
N GLU B 258 -15.42 -5.71 -1.51
N GLU B 258 -15.43 -5.71 -1.50
CA GLU B 258 -16.36 -6.50 -0.71
CA GLU B 258 -16.35 -6.49 -0.66
C GLU B 258 -15.77 -7.80 -0.18
C GLU B 258 -15.74 -7.80 -0.14
N LEU B 259 -14.89 -8.43 -0.96
CA LEU B 259 -14.25 -9.69 -0.55
C LEU B 259 -12.77 -9.51 -0.25
N GLY B 260 -12.33 -8.25 -0.21
CA GLY B 260 -10.94 -7.91 0.06
C GLY B 260 -9.98 -8.30 -1.06
N PHE B 261 -10.46 -8.31 -2.31
CA PHE B 261 -9.59 -8.69 -3.43
C PHE B 261 -8.80 -7.53 -4.04
N ASP B 262 -7.67 -7.88 -4.66
CA ASP B 262 -6.82 -6.94 -5.39
C ASP B 262 -7.26 -6.94 -6.83
N ALA B 263 -6.52 -6.25 -7.68
CA ALA B 263 -6.79 -6.26 -9.10
C ALA B 263 -6.27 -7.60 -9.61
N MSE B 264 -5.26 -8.13 -8.93
CA MSE B 264 -4.67 -9.43 -9.28
C MSE B 264 -5.60 -10.58 -8.92
O MSE B 264 -5.86 -11.47 -9.75
CB MSE B 264 -3.31 -9.63 -8.62
CG MSE B 264 -2.17 -9.00 -9.38
SE MSE B 264 -2.08 -9.76 -11.20
CE MSE B 264 -1.81 -11.63 -10.73
N ASP B 265 -6.09 -10.56 -7.68
CA ASP B 265 -6.98 -11.60 -7.19
C ASP B 265 -8.18 -11.78 -8.14
N LEU B 266 -8.64 -10.70 -8.76
CA LEU B 266 -9.78 -10.79 -9.66
C LEU B 266 -9.41 -11.37 -11.01
N ARG B 267 -8.33 -10.89 -11.62
CA ARG B 267 -7.92 -11.43 -12.91
C ARG B 267 -7.62 -12.92 -12.76
N TYR B 268 -6.84 -13.26 -11.73
CA TYR B 268 -6.48 -14.65 -11.47
C TYR B 268 -7.73 -15.53 -11.42
N LEU B 269 -8.73 -15.10 -10.65
CA LEU B 269 -9.97 -15.86 -10.50
C LEU B 269 -10.80 -15.91 -11.79
N GLU B 270 -10.75 -14.83 -12.57
CA GLU B 270 -11.46 -14.78 -13.84
C GLU B 270 -10.79 -15.75 -14.81
N LEU B 271 -9.48 -15.89 -14.66
CA LEU B 271 -8.68 -16.76 -15.49
C LEU B 271 -9.03 -18.23 -15.20
N LEU B 272 -9.02 -18.58 -13.91
CA LEU B 272 -9.34 -19.95 -13.49
C LEU B 272 -10.82 -20.32 -13.67
N THR B 273 -11.73 -19.41 -13.33
CA THR B 273 -13.16 -19.69 -13.47
C THR B 273 -13.50 -19.97 -14.94
N ALA B 274 -12.96 -19.14 -15.82
CA ALA B 274 -13.19 -19.31 -17.26
C ALA B 274 -12.74 -20.68 -17.72
N ALA B 275 -11.78 -21.26 -17.00
CA ALA B 275 -11.22 -22.58 -17.34
C ALA B 275 -12.12 -23.77 -16.98
N LYS B 276 -13.32 -23.48 -16.46
CA LYS B 276 -14.30 -24.53 -16.11
C LYS B 276 -13.67 -25.77 -15.48
N GLN B 277 -12.75 -25.53 -14.55
CA GLN B 277 -12.05 -26.57 -13.79
C GLN B 277 -11.10 -27.50 -14.57
N LYS B 278 -10.60 -27.05 -15.73
CA LYS B 278 -9.60 -27.83 -16.46
C LYS B 278 -8.28 -27.28 -15.90
N PRO B 279 -7.52 -28.11 -15.16
CA PRO B 279 -6.28 -27.68 -14.51
C PRO B 279 -5.31 -26.85 -15.36
N ILE B 280 -4.79 -25.78 -14.76
CA ILE B 280 -3.82 -24.90 -15.42
C ILE B 280 -2.55 -24.86 -14.57
N GLY B 281 -1.39 -24.91 -15.21
CA GLY B 281 -0.11 -24.87 -14.52
C GLY B 281 0.35 -23.44 -14.27
N LEU B 282 1.46 -23.29 -13.54
CA LEU B 282 2.01 -21.96 -13.27
C LEU B 282 2.48 -21.23 -14.50
N ALA B 283 3.26 -21.92 -15.34
CA ALA B 283 3.79 -21.31 -16.55
C ALA B 283 2.71 -20.54 -17.29
N SER B 284 1.56 -21.19 -17.49
CA SER B 284 0.44 -20.56 -18.18
C SER B 284 -0.08 -19.38 -17.37
N ILE B 285 -0.33 -19.61 -16.09
CA ILE B 285 -0.83 -18.57 -15.19
C ILE B 285 0.14 -17.40 -15.09
N ALA B 286 1.44 -17.71 -15.03
CA ALA B 286 2.47 -16.68 -14.92
C ALA B 286 2.47 -15.74 -16.13
N ALA B 287 2.24 -16.31 -17.31
CA ALA B 287 2.22 -15.53 -18.54
C ALA B 287 0.96 -14.68 -18.66
N ALA B 288 -0.20 -15.31 -18.39
CA ALA B 288 -1.50 -14.65 -18.50
C ALA B 288 -1.61 -13.40 -17.62
N LEU B 289 -1.04 -13.45 -16.43
CA LEU B 289 -1.09 -12.32 -15.50
C LEU B 289 0.19 -11.50 -15.50
N SER B 290 1.11 -11.82 -16.39
CA SER B 290 2.39 -11.09 -16.47
C SER B 290 2.91 -10.92 -15.05
N GLU B 291 3.07 -12.04 -14.34
CA GLU B 291 3.53 -12.01 -12.97
C GLU B 291 4.56 -13.11 -12.77
N ASP B 292 5.49 -12.89 -11.85
CA ASP B 292 6.54 -13.87 -11.55
C ASP B 292 5.91 -15.05 -10.82
N GLU B 293 6.47 -16.25 -11.02
CA GLU B 293 5.91 -17.45 -10.39
C GLU B 293 5.96 -17.44 -8.86
N ASN B 294 7.11 -17.14 -8.28
CA ASN B 294 7.22 -17.11 -6.82
C ASN B 294 6.17 -16.18 -6.20
N THR B 295 5.86 -15.08 -6.87
CA THR B 295 4.87 -14.14 -6.37
C THR B 295 3.47 -14.76 -6.38
N ILE B 296 3.22 -15.61 -7.38
CA ILE B 296 1.93 -16.29 -7.49
C ILE B 296 1.71 -17.26 -6.32
N GLU B 297 2.65 -18.17 -6.13
CA GLU B 297 2.55 -19.17 -5.05
C GLU B 297 2.87 -18.60 -3.69
N ASP B 298 3.82 -17.70 -3.64
CA ASP B 298 4.32 -17.16 -2.38
C ASP B 298 3.50 -15.97 -1.85
N VAL B 299 2.79 -15.26 -2.73
CA VAL B 299 2.03 -14.07 -2.30
C VAL B 299 0.55 -13.99 -2.70
N ILE B 300 0.20 -14.44 -3.90
CA ILE B 300 -1.18 -14.35 -4.38
C ILE B 300 -2.07 -15.54 -4.03
N GLU B 301 -1.61 -16.74 -4.34
CA GLU B 301 -2.40 -17.96 -4.08
C GLU B 301 -2.63 -18.28 -2.60
N PRO B 302 -1.63 -18.05 -1.73
CA PRO B 302 -1.82 -18.39 -0.33
C PRO B 302 -3.19 -17.98 0.22
N TYR B 303 -3.57 -16.72 0.00
CA TYR B 303 -4.86 -16.20 0.46
C TYR B 303 -6.05 -16.85 -0.27
N LEU B 304 -5.92 -17.05 -1.57
CA LEU B 304 -6.99 -17.67 -2.35
C LEU B 304 -7.22 -19.12 -1.94
N LEU B 305 -6.14 -19.83 -1.60
CA LEU B 305 -6.25 -21.20 -1.12
C LEU B 305 -6.93 -21.24 0.24
N ALA B 306 -6.42 -20.43 1.17
CA ALA B 306 -6.97 -20.39 2.52
C ALA B 306 -8.50 -20.22 2.55
N ASN B 307 -9.04 -19.33 1.72
CA ASN B 307 -10.48 -19.08 1.70
C ASN B 307 -11.27 -19.94 0.72
N GLY B 308 -10.65 -21.04 0.29
CA GLY B 308 -11.30 -22.00 -0.60
C GLY B 308 -11.77 -21.48 -1.96
N TYR B 309 -11.07 -20.50 -2.51
CA TYR B 309 -11.43 -19.99 -3.82
C TYR B 309 -10.79 -20.81 -4.96
N ILE B 310 -9.65 -21.44 -4.68
CA ILE B 310 -8.93 -22.23 -5.67
C ILE B 310 -8.41 -23.52 -5.04
N GLU B 311 -7.96 -24.45 -5.87
CA GLU B 311 -7.43 -25.72 -5.39
C GLU B 311 -6.15 -26.10 -6.13
N ARG B 312 -5.20 -26.68 -5.39
CA ARG B 312 -3.97 -27.18 -5.98
C ARG B 312 -4.16 -28.67 -6.24
N THR B 313 -4.02 -29.11 -7.49
CA THR B 313 -4.14 -30.53 -7.84
C THR B 313 -2.86 -30.98 -8.54
N ALA B 314 -2.72 -32.29 -8.70
CA ALA B 314 -1.54 -32.85 -9.36
C ALA B 314 -1.36 -32.31 -10.78
N LYS B 315 -2.46 -32.09 -11.50
CA LYS B 315 -2.39 -31.62 -12.88
C LYS B 315 -2.40 -30.09 -13.03
N GLY B 316 -2.65 -29.37 -11.94
CA GLY B 316 -2.66 -27.90 -11.99
C GLY B 316 -3.62 -27.26 -11.01
N ARG B 317 -3.99 -26.01 -11.27
CA ARG B 317 -4.92 -25.30 -10.40
C ARG B 317 -6.30 -25.25 -11.02
N ILE B 318 -7.32 -25.19 -10.16
CA ILE B 318 -8.69 -25.09 -10.60
C ILE B 318 -9.46 -24.16 -9.68
N ALA B 319 -10.45 -23.46 -10.25
CA ALA B 319 -11.32 -22.59 -9.46
C ALA B 319 -12.28 -23.51 -8.72
N SER B 320 -12.42 -23.29 -7.42
CA SER B 320 -13.29 -24.12 -6.59
C SER B 320 -14.77 -23.86 -6.82
N ALA B 321 -15.59 -24.78 -6.32
CA ALA B 321 -17.05 -24.64 -6.39
C ALA B 321 -17.49 -23.34 -5.72
N LYS B 322 -16.80 -22.97 -4.65
CA LYS B 322 -17.13 -21.77 -3.89
C LYS B 322 -17.00 -20.50 -4.71
N SER B 323 -16.05 -20.48 -5.65
CA SER B 323 -15.86 -19.29 -6.47
C SER B 323 -16.88 -19.23 -7.60
N TYR B 324 -17.53 -20.36 -7.91
CA TYR B 324 -18.58 -20.36 -8.94
C TYR B 324 -19.91 -19.89 -8.37
N SER B 325 -20.01 -19.80 -7.05
CA SER B 325 -21.24 -19.35 -6.39
C SER B 325 -21.24 -17.83 -6.25
N ALA B 326 -20.10 -17.28 -5.84
CA ALA B 326 -19.95 -15.83 -5.66
C ALA B 326 -19.54 -15.15 -6.96
N LEU B 327 -20.53 -14.59 -7.67
CA LEU B 327 -20.29 -13.89 -8.94
C LEU B 327 -19.66 -14.83 -9.95
PB ADP C . 1.19 16.40 -6.58
O1B ADP C . 1.40 16.53 -5.10
O2B ADP C . 2.45 16.57 -7.39
O3B ADP C . 0.36 15.20 -7.00
PA ADP C . 0.32 19.08 -6.26
O1A ADP C . -0.37 18.99 -4.91
O2A ADP C . 1.73 19.61 -6.32
O3A ADP C . 0.25 17.64 -6.99
O5' ADP C . -0.60 20.00 -7.19
C5' ADP C . -0.19 20.40 -8.49
C4' ADP C . -0.85 21.73 -8.84
O4' ADP C . -2.23 21.52 -9.18
C3' ADP C . -0.82 22.72 -7.68
O3' ADP C . -0.52 24.04 -8.15
C2' ADP C . -2.21 22.67 -7.10
O2' ADP C . -2.64 23.94 -6.65
C1' ADP C . -3.08 22.19 -8.24
N9 ADP C . -4.12 21.28 -7.73
C8 ADP C . -4.00 19.97 -7.55
N7 ADP C . -5.17 19.48 -7.08
C5 ADP C . -6.02 20.51 -6.97
C6 ADP C . -7.34 20.62 -6.56
N6 ADP C . -8.00 19.51 -6.15
N1 ADP C . -7.94 21.83 -6.57
C2 ADP C . -7.28 22.91 -6.98
N3 ADP C . -6.01 22.84 -7.38
C4 ADP C . -5.36 21.65 -7.40
PB ADP D . 3.89 -9.68 11.27
O1B ADP D . 3.60 -11.08 10.79
O2B ADP D . 5.09 -9.57 12.18
O3B ADP D . 3.80 -8.64 10.17
PA ADP D . 2.95 -8.73 13.70
O1A ADP D . 3.34 -9.86 14.62
O2A ADP D . 3.86 -7.54 13.53
O3A ADP D . 2.67 -9.32 12.24
O5' ADP D . 1.51 -8.19 14.19
C5' ADP D . 0.56 -7.81 13.20
C4' ADP D . -0.63 -7.10 13.81
O4' ADP D . -1.74 -8.00 13.82
C3' ADP D . -0.38 -6.67 15.25
O3' ADP D . -0.95 -5.39 15.51
C2' ADP D . -1.10 -7.69 16.11
O2' ADP D . -1.76 -7.07 17.19
C1' ADP D . -2.11 -8.33 15.17
N9 ADP D . -2.13 -9.80 15.37
C8 ADP D . -1.35 -10.69 14.75
N7 ADP D . -1.68 -11.93 15.21
C5 ADP D . -2.67 -11.78 16.10
C6 ADP D . -3.40 -12.68 16.87
N6 ADP D . -3.15 -13.99 16.80
N1 ADP D . -4.35 -12.21 17.70
C2 ADP D . -4.60 -10.89 17.77
N3 ADP D . -3.92 -10.01 17.04
C4 ADP D . -2.95 -10.43 16.20
#